data_8WU5
#
_entry.id   8WU5
#
_cell.length_a   27.186
_cell.length_b   44.051
_cell.length_c   194.346
_cell.angle_alpha   90.000
_cell.angle_beta   90.000
_cell.angle_gamma   90.000
#
_symmetry.space_group_name_H-M   'P 21 21 21'
#
loop_
_entity.id
_entity.type
_entity.pdbx_description
1 polymer "DNA (5'-D(*GP*CP*(CBR)P*GP*AP*GP*CP*AP*GP*CP*AP*CP*GP*GP*C)-3')"
2 non-polymer (1^2Z,4^2Z,11^2Z,14^2Z,22^2Z,25^2Z,32^2Z,35^2Z,19R,40R)-1^1,4^1,11^1,14^1,22^1,25^1,32^1,35^1-octamethyl-2,5,9,12,15,20,23,26,30,33,36,41-dodecaoxo-1^1H,4^1H,11^1H,14^1H,22^1H,25^1H,32^1H,35^1H-3,6,10,13,16,21,24,27,31,34,37,42-dodecaaza-1(2,4),11,22,32(4,2)-tetraimidazola-4,14,25,35(4,2)-tetrapyrrolacyclodotetracontaphane-19,40-diaminium
#
_entity_poly.entity_id   1
_entity_poly.type   'polydeoxyribonucleotide'
_entity_poly.pdbx_seq_one_letter_code
;(DG)(DC)(CBR)(DG)(DA)(DG)(DC)(DA)(DG)(DC)(DA)(DC)(DG)(DG)(DC)
;
_entity_poly.pdbx_strand_id   A,B,C,D
#